data_5KT0
#
_entry.id   5KT0
#
_cell.length_a   72.728
_cell.length_b   89.361
_cell.length_c   95.917
_cell.angle_alpha   90.00
_cell.angle_beta   90.00
_cell.angle_gamma   90.00
#
_symmetry.space_group_name_H-M   'I 2 2 2'
#
loop_
_entity.id
_entity.type
_entity.pdbx_description
1 polymer '4-hydroxy-tetrahydrodipicolinate reductase'
2 non-polymer 'MAGNESIUM ION'
3 water water
#
_entity_poly.entity_id   1
_entity_poly.type   'polypeptide(L)'
_entity_poly.pdbx_seq_one_letter_code
;MRGSHHHHHHGMASMTGGQQMGRDLYDDDDKDPTNQAPIPVIVNGAAGKMGREVVKAIAQAPDLNLLGAIDSSPEHQGKD
AGELAGLSEPLEVPITNQLEPMLGYVAGERQGPPGVIVDFTHPDSVYDNVRSAIAYGIRPVVGTTGLSPAQIQNLADFAE
KASTGCLIIPNFSIGMVLLQQAAVTASQYFDHVEIIELHHNQKADAPSGTAIQTAELLAELGKTFNSAIVEETEKIPGAR
GSLAGEGIRIHSVRLPGLIAHQEVIFGAPGQIYTLRHDTSDRACYMPGVLLAIRKVLQLKSLVYGLEKIL
;
_entity_poly.pdbx_strand_id   A
#
loop_
_chem_comp.id
_chem_comp.type
_chem_comp.name
_chem_comp.formula
MG non-polymer 'MAGNESIUM ION' 'Mg 2'
#
# COMPACT_ATOMS: atom_id res chain seq x y z
N ALA A 37 -20.92 -16.04 3.19
CA ALA A 37 -19.82 -16.88 2.58
C ALA A 37 -18.52 -16.10 2.59
N PRO A 38 -17.81 -16.12 3.73
CA PRO A 38 -16.69 -15.24 3.82
C PRO A 38 -15.54 -15.59 2.85
N ILE A 39 -14.64 -14.64 2.69
CA ILE A 39 -13.49 -14.80 1.83
C ILE A 39 -12.46 -15.69 2.53
N PRO A 40 -11.94 -16.68 1.80
CA PRO A 40 -10.83 -17.48 2.29
C PRO A 40 -9.48 -16.79 2.01
N VAL A 41 -8.68 -16.60 3.06
CA VAL A 41 -7.46 -15.77 2.96
C VAL A 41 -6.26 -16.50 3.50
N ILE A 42 -5.21 -16.57 2.69
CA ILE A 42 -3.90 -17.00 3.19
C ILE A 42 -3.04 -15.78 3.55
N VAL A 43 -2.28 -15.84 4.63
CA VAL A 43 -1.35 -14.76 4.97
C VAL A 43 0.09 -15.25 4.96
N ASN A 44 0.83 -14.89 3.93
CA ASN A 44 2.22 -15.30 3.87
C ASN A 44 3.02 -14.31 4.68
N GLY A 45 4.02 -14.80 5.41
CA GLY A 45 4.74 -13.95 6.38
C GLY A 45 3.94 -13.81 7.66
N ALA A 46 3.27 -14.89 8.06
CA ALA A 46 2.22 -14.80 9.09
C ALA A 46 2.73 -14.38 10.48
N ALA A 47 3.75 -15.09 10.99
CA ALA A 47 4.43 -14.71 12.25
C ALA A 47 5.14 -13.32 12.30
N GLY A 48 5.41 -12.67 11.14
CA GLY A 48 5.99 -11.32 11.09
C GLY A 48 5.15 -10.25 11.76
N LYS A 49 5.70 -9.04 11.85
CA LYS A 49 5.02 -7.96 12.59
C LYS A 49 3.65 -7.59 11.99
N MET A 50 3.65 -6.93 10.81
CA MET A 50 2.43 -6.61 10.03
C MET A 50 1.59 -7.87 9.76
N GLY A 51 2.27 -9.00 9.54
CA GLY A 51 1.59 -10.27 9.34
C GLY A 51 0.73 -10.69 10.54
N ARG A 52 1.34 -10.64 11.72
CA ARG A 52 0.64 -10.99 12.93
C ARG A 52 -0.62 -10.14 13.04
N GLU A 53 -0.46 -8.85 12.82
CA GLU A 53 -1.56 -7.91 12.88
C GLU A 53 -2.70 -8.29 11.93
N VAL A 54 -2.35 -8.58 10.69
CA VAL A 54 -3.35 -8.80 9.67
C VAL A 54 -4.16 -10.04 9.99
N VAL A 55 -3.47 -11.06 10.46
CA VAL A 55 -4.17 -12.19 11.03
C VAL A 55 -5.19 -11.70 12.06
N LYS A 56 -4.78 -10.85 12.99
CA LYS A 56 -5.71 -10.36 14.01
C LYS A 56 -6.95 -9.72 13.36
N ALA A 57 -6.76 -8.83 12.39
CA ALA A 57 -7.90 -8.11 11.82
C ALA A 57 -8.85 -8.97 11.04
N ILE A 58 -8.34 -10.06 10.44
CA ILE A 58 -9.15 -11.01 9.64
C ILE A 58 -10.05 -11.85 10.54
N ALA A 59 -9.49 -12.25 11.69
CA ALA A 59 -10.27 -12.89 12.74
C ALA A 59 -11.46 -12.02 13.13
N GLN A 60 -11.20 -10.75 13.48
CA GLN A 60 -12.29 -9.77 13.82
C GLN A 60 -13.28 -9.45 12.67
N ALA A 61 -12.87 -9.70 11.43
CA ALA A 61 -13.70 -9.44 10.28
C ALA A 61 -14.46 -10.72 9.92
N PRO A 62 -15.81 -10.65 10.00
CA PRO A 62 -16.66 -11.83 9.77
C PRO A 62 -16.68 -12.27 8.31
N ASP A 63 -16.62 -11.32 7.38
CA ASP A 63 -16.64 -11.63 5.94
C ASP A 63 -15.27 -12.06 5.41
N LEU A 64 -14.30 -12.25 6.30
CA LEU A 64 -12.96 -12.71 5.95
C LEU A 64 -12.56 -13.89 6.84
N ASN A 65 -12.07 -14.94 6.22
CA ASN A 65 -11.80 -16.16 6.91
C ASN A 65 -10.43 -16.73 6.58
N LEU A 66 -9.58 -16.78 7.59
CA LEU A 66 -8.22 -17.26 7.43
C LEU A 66 -8.15 -18.77 7.21
N LEU A 67 -7.78 -19.17 6.00
CA LEU A 67 -7.57 -20.58 5.73
C LEU A 67 -6.19 -21.07 6.02
N GLY A 68 -5.21 -20.18 6.06
CA GLY A 68 -3.83 -20.63 6.21
C GLY A 68 -2.77 -19.56 6.42
N ALA A 69 -1.91 -19.83 7.39
CA ALA A 69 -0.79 -18.96 7.75
C ALA A 69 0.55 -19.61 7.39
N ILE A 70 1.45 -18.83 6.78
CA ILE A 70 2.79 -19.32 6.40
C ILE A 70 3.93 -18.39 6.88
N ASP A 71 5.06 -19.00 7.27
CA ASP A 71 6.29 -18.26 7.64
C ASP A 71 7.56 -19.14 7.45
N SER A 72 8.72 -18.50 7.30
CA SER A 72 10.05 -19.18 7.18
C SER A 72 10.59 -19.67 8.51
N SER A 73 10.42 -18.82 9.54
CA SER A 73 10.94 -19.06 10.88
C SER A 73 10.59 -20.46 11.41
N PRO A 74 11.63 -21.29 11.61
CA PRO A 74 11.38 -22.64 12.13
C PRO A 74 10.84 -22.59 13.57
N GLU A 75 11.33 -21.60 14.32
CA GLU A 75 10.92 -21.35 15.70
C GLU A 75 9.42 -21.10 15.92
N HIS A 76 8.71 -20.63 14.89
CA HIS A 76 7.26 -20.37 15.03
C HIS A 76 6.33 -21.47 14.45
N GLN A 77 6.91 -22.60 13.99
CA GLN A 77 6.18 -23.56 13.14
C GLN A 77 4.87 -24.24 13.63
N GLY A 78 4.87 -24.86 14.79
CA GLY A 78 3.66 -25.60 15.20
C GLY A 78 2.46 -24.71 15.49
N LYS A 79 2.76 -23.53 16.05
CA LYS A 79 1.79 -22.72 16.79
C LYS A 79 0.53 -22.34 16.02
N ASP A 80 -0.49 -21.95 16.78
CA ASP A 80 -1.72 -21.48 16.18
C ASP A 80 -1.55 -20.02 15.78
N ALA A 81 -2.03 -19.74 14.57
CA ALA A 81 -1.96 -18.41 13.99
C ALA A 81 -2.61 -17.30 14.84
N GLY A 82 -3.80 -17.61 15.40
CA GLY A 82 -4.58 -16.67 16.19
C GLY A 82 -3.93 -16.37 17.52
N GLU A 83 -3.85 -17.39 18.36
CA GLU A 83 -3.05 -17.38 19.58
C GLU A 83 -1.70 -16.66 19.37
N LEU A 84 -0.93 -17.08 18.38
CA LEU A 84 0.40 -16.50 18.12
C LEU A 84 0.39 -14.98 17.98
N ALA A 85 -0.56 -14.46 17.21
CA ALA A 85 -0.69 -13.01 17.01
C ALA A 85 -1.44 -12.31 18.16
N GLY A 86 -1.77 -13.08 19.20
CA GLY A 86 -2.22 -12.53 20.46
C GLY A 86 -3.72 -12.35 20.57
N LEU A 87 -4.46 -13.44 20.78
CA LEU A 87 -5.87 -13.32 21.18
C LEU A 87 -6.46 -14.61 21.75
N SER A 88 -6.93 -14.50 23.00
CA SER A 88 -7.94 -15.38 23.59
C SER A 88 -7.94 -16.80 23.03
N GLU A 89 -9.07 -17.25 22.49
CA GLU A 89 -9.18 -18.63 21.97
C GLU A 89 -8.39 -18.78 20.66
N PRO A 90 -7.53 -19.82 20.60
CA PRO A 90 -6.83 -20.09 19.34
C PRO A 90 -7.77 -20.60 18.26
N LEU A 91 -7.59 -20.10 17.02
CA LEU A 91 -8.28 -20.65 15.84
C LEU A 91 -7.82 -22.08 15.52
N GLU A 92 -8.25 -22.60 14.37
CA GLU A 92 -7.91 -23.97 14.00
C GLU A 92 -6.81 -24.03 12.94
N VAL A 93 -5.90 -23.05 12.97
CA VAL A 93 -4.89 -22.91 11.92
C VAL A 93 -3.47 -22.90 12.49
N PRO A 94 -2.63 -23.85 12.07
CA PRO A 94 -1.24 -23.85 12.47
C PRO A 94 -0.38 -23.10 11.46
N ILE A 95 0.76 -22.59 11.91
CA ILE A 95 1.66 -21.75 11.10
C ILE A 95 2.63 -22.56 10.21
N THR A 96 2.09 -23.29 9.24
CA THR A 96 2.91 -24.18 8.41
C THR A 96 3.87 -23.37 7.54
N ASN A 97 4.64 -24.03 6.66
CA ASN A 97 5.69 -23.33 5.90
C ASN A 97 5.90 -23.82 4.49
N GLN A 98 4.89 -24.39 3.89
CA GLN A 98 5.00 -24.78 2.51
C GLN A 98 3.82 -24.17 1.75
N LEU A 99 4.13 -23.40 0.73
CA LEU A 99 3.17 -22.57 0.04
C LEU A 99 2.23 -23.35 -0.88
N GLU A 100 2.76 -24.03 -1.90
CA GLU A 100 1.90 -24.77 -2.84
C GLU A 100 0.82 -25.67 -2.24
N PRO A 101 1.17 -26.53 -1.25
CA PRO A 101 0.12 -27.33 -0.60
C PRO A 101 -1.10 -26.49 -0.18
N MET A 102 -0.83 -25.30 0.36
CA MET A 102 -1.84 -24.40 0.85
C MET A 102 -2.54 -23.69 -0.28
N LEU A 103 -1.80 -23.32 -1.32
CA LEU A 103 -2.40 -22.77 -2.55
C LEU A 103 -3.36 -23.75 -3.20
N GLY A 104 -2.87 -24.93 -3.58
CA GLY A 104 -3.70 -25.99 -4.15
C GLY A 104 -4.93 -26.23 -3.29
N TYR A 105 -4.69 -26.38 -2.00
CA TYR A 105 -5.77 -26.53 -1.07
C TYR A 105 -6.80 -25.45 -1.28
N VAL A 106 -6.38 -24.18 -1.25
CA VAL A 106 -7.34 -23.08 -1.45
C VAL A 106 -8.02 -23.16 -2.81
N ALA A 107 -7.28 -23.07 -3.92
CA ALA A 107 -7.89 -23.16 -5.27
C ALA A 107 -8.84 -24.36 -5.50
N GLY A 108 -8.93 -25.30 -4.54
CA GLY A 108 -10.05 -26.25 -4.44
C GLY A 108 -11.37 -25.55 -4.10
N GLU A 109 -12.24 -25.45 -5.11
CA GLU A 109 -13.51 -24.72 -5.01
C GLU A 109 -14.14 -24.85 -3.63
N ARG A 110 -14.19 -23.72 -2.92
CA ARG A 110 -14.82 -23.64 -1.59
C ARG A 110 -16.34 -23.43 -1.67
N GLN A 111 -16.85 -23.12 -2.86
CA GLN A 111 -18.27 -22.78 -3.14
C GLN A 111 -18.53 -21.29 -2.96
N GLY A 112 -17.72 -20.65 -2.12
CA GLY A 112 -17.79 -19.22 -1.89
C GLY A 112 -16.81 -18.47 -2.76
N PRO A 113 -16.45 -17.24 -2.33
CA PRO A 113 -15.54 -16.39 -3.06
C PRO A 113 -14.18 -17.04 -3.40
N PRO A 114 -13.56 -16.59 -4.52
CA PRO A 114 -12.17 -16.90 -4.84
C PRO A 114 -11.25 -16.50 -3.69
N GLY A 115 -10.05 -17.07 -3.67
CA GLY A 115 -9.17 -16.98 -2.52
C GLY A 115 -8.14 -15.89 -2.66
N VAL A 116 -7.65 -15.40 -1.53
CA VAL A 116 -6.75 -14.28 -1.55
C VAL A 116 -5.51 -14.61 -0.74
N ILE A 117 -4.39 -14.08 -1.20
CA ILE A 117 -3.16 -14.21 -0.46
C ILE A 117 -2.52 -12.85 -0.15
N VAL A 118 -2.29 -12.60 1.13
CA VAL A 118 -1.68 -11.36 1.53
C VAL A 118 -0.24 -11.69 1.91
N ASP A 119 0.71 -11.04 1.23
CA ASP A 119 2.08 -11.36 1.43
C ASP A 119 2.84 -10.29 2.22
N PHE A 120 3.62 -10.77 3.18
CA PHE A 120 4.53 -9.94 3.96
C PHE A 120 5.78 -10.74 4.21
N THR A 121 6.57 -10.89 3.17
CA THR A 121 7.64 -11.86 3.09
C THR A 121 8.92 -11.13 2.74
N HIS A 122 10.07 -11.70 3.10
CA HIS A 122 11.34 -11.05 2.87
C HIS A 122 11.55 -10.82 1.34
N PRO A 123 12.11 -9.65 0.95
CA PRO A 123 12.41 -9.24 -0.43
C PRO A 123 12.88 -10.31 -1.39
N ASP A 124 13.81 -11.15 -0.93
CA ASP A 124 14.20 -12.41 -1.59
C ASP A 124 13.02 -13.11 -2.29
N SER A 125 12.00 -13.40 -1.51
CA SER A 125 11.04 -14.41 -1.87
C SER A 125 9.77 -13.81 -2.45
N VAL A 126 9.68 -12.49 -2.47
CA VAL A 126 8.40 -11.85 -2.74
C VAL A 126 8.00 -12.11 -4.17
N TYR A 127 8.93 -11.97 -5.09
CA TYR A 127 8.62 -12.17 -6.48
C TYR A 127 8.14 -13.59 -6.70
N ASP A 128 8.83 -14.54 -6.11
CA ASP A 128 8.51 -15.93 -6.38
C ASP A 128 7.22 -16.36 -5.72
N ASN A 129 6.99 -15.96 -4.47
CA ASN A 129 5.69 -16.22 -3.81
C ASN A 129 4.48 -15.68 -4.61
N VAL A 130 4.60 -14.44 -5.10
CA VAL A 130 3.55 -13.77 -5.84
C VAL A 130 3.23 -14.52 -7.16
N ARG A 131 4.25 -14.63 -8.02
CA ARG A 131 4.23 -15.52 -9.21
C ARG A 131 3.68 -16.94 -8.96
N SER A 132 4.06 -17.55 -7.85
CA SER A 132 3.55 -18.85 -7.53
C SER A 132 2.05 -18.81 -7.27
N ALA A 133 1.61 -17.79 -6.53
CA ALA A 133 0.16 -17.60 -6.28
C ALA A 133 -0.58 -17.33 -7.58
N ILE A 134 -0.05 -16.43 -8.41
CA ILE A 134 -0.75 -16.07 -9.63
C ILE A 134 -0.98 -17.29 -10.49
N ALA A 135 0.07 -18.09 -10.64
CA ALA A 135 -0.02 -19.36 -11.36
C ALA A 135 -1.18 -20.24 -10.90
N TYR A 136 -1.37 -20.37 -9.61
CA TYR A 136 -2.47 -21.15 -9.07
C TYR A 136 -3.80 -20.43 -9.14
N GLY A 137 -3.82 -19.20 -9.68
CA GLY A 137 -5.07 -18.43 -9.75
C GLY A 137 -5.45 -17.61 -8.52
N ILE A 138 -4.71 -17.79 -7.41
CA ILE A 138 -4.93 -17.09 -6.13
C ILE A 138 -4.48 -15.63 -6.16
N ARG A 139 -5.35 -14.73 -5.72
CA ARG A 139 -5.09 -13.30 -5.88
C ARG A 139 -4.16 -12.77 -4.80
N PRO A 140 -3.05 -12.17 -5.23
CA PRO A 140 -2.10 -11.55 -4.34
C PRO A 140 -2.42 -10.10 -3.96
N VAL A 141 -2.30 -9.82 -2.67
CA VAL A 141 -2.26 -8.47 -2.16
C VAL A 141 -0.91 -8.31 -1.46
N VAL A 142 -0.11 -7.37 -1.96
CA VAL A 142 1.27 -7.25 -1.52
C VAL A 142 1.84 -5.84 -1.71
N GLY A 143 2.70 -5.43 -0.78
CA GLY A 143 3.35 -4.13 -0.87
C GLY A 143 4.48 -4.14 -1.88
N THR A 144 5.05 -2.97 -2.15
CA THR A 144 6.13 -2.87 -3.13
C THR A 144 7.50 -3.16 -2.56
N THR A 145 7.70 -3.05 -1.26
CA THR A 145 8.98 -3.48 -0.69
C THR A 145 9.38 -4.83 -1.24
N GLY A 146 10.64 -4.92 -1.63
CA GLY A 146 11.18 -6.12 -2.26
C GLY A 146 10.98 -6.24 -3.76
N LEU A 147 10.35 -5.27 -4.42
CA LEU A 147 9.96 -5.46 -5.81
C LEU A 147 10.35 -4.26 -6.65
N SER A 148 11.09 -4.56 -7.73
CA SER A 148 11.56 -3.52 -8.64
C SER A 148 10.53 -3.34 -9.75
N PRO A 149 10.46 -2.11 -10.31
CA PRO A 149 9.53 -1.82 -11.43
C PRO A 149 9.55 -2.86 -12.55
N ALA A 150 10.74 -3.37 -12.86
CA ALA A 150 10.88 -4.44 -13.86
C ALA A 150 10.19 -5.74 -13.44
N GLN A 151 10.34 -6.12 -12.17
CA GLN A 151 9.66 -7.30 -11.69
C GLN A 151 8.14 -7.13 -11.78
N ILE A 152 7.66 -5.92 -11.49
CA ILE A 152 6.21 -5.64 -11.48
C ILE A 152 5.65 -5.75 -12.89
N GLN A 153 6.40 -5.22 -13.84
CA GLN A 153 6.13 -5.44 -15.26
C GLN A 153 5.90 -6.90 -15.53
N ASN A 154 6.81 -7.75 -15.07
CA ASN A 154 6.73 -9.20 -15.29
C ASN A 154 5.52 -9.81 -14.62
N LEU A 155 5.25 -9.40 -13.38
CA LEU A 155 4.06 -9.90 -12.68
C LEU A 155 2.77 -9.43 -13.35
N ALA A 156 2.80 -8.21 -13.88
CA ALA A 156 1.68 -7.68 -14.66
C ALA A 156 1.31 -8.69 -15.76
N ASP A 157 2.35 -9.11 -16.50
CA ASP A 157 2.21 -10.05 -17.64
C ASP A 157 1.63 -11.36 -17.18
N PHE A 158 2.23 -11.97 -16.15
CA PHE A 158 1.70 -13.24 -15.61
C PHE A 158 0.23 -13.15 -15.19
N ALA A 159 -0.17 -11.99 -14.66
CA ALA A 159 -1.54 -11.79 -14.20
C ALA A 159 -2.53 -11.62 -15.36
N GLU A 160 -2.15 -10.84 -16.38
CA GLU A 160 -3.04 -10.66 -17.54
C GLU A 160 -3.31 -11.98 -18.24
N LYS A 161 -2.22 -12.66 -18.61
CA LYS A 161 -2.28 -13.98 -19.18
C LYS A 161 -3.03 -14.92 -18.28
N ALA A 162 -2.78 -14.86 -16.97
CA ALA A 162 -3.52 -15.72 -16.02
C ALA A 162 -4.97 -15.24 -15.80
N SER A 163 -5.28 -14.01 -16.23
CA SER A 163 -6.51 -13.33 -15.85
C SER A 163 -6.80 -13.52 -14.35
N THR A 164 -5.77 -13.29 -13.53
CA THR A 164 -5.90 -13.33 -12.09
C THR A 164 -5.61 -11.92 -11.58
N GLY A 165 -6.47 -11.45 -10.68
CA GLY A 165 -6.35 -10.12 -10.10
C GLY A 165 -5.16 -10.06 -9.17
N CYS A 166 -4.54 -8.89 -9.10
CA CYS A 166 -3.41 -8.72 -8.23
C CYS A 166 -3.25 -7.26 -7.85
N LEU A 167 -3.02 -7.01 -6.57
CA LEU A 167 -2.73 -5.68 -6.12
C LEU A 167 -1.31 -5.50 -5.60
N ILE A 168 -0.57 -4.66 -6.33
CA ILE A 168 0.70 -4.15 -5.86
C ILE A 168 0.45 -2.77 -5.26
N ILE A 169 0.87 -2.57 -4.01
CA ILE A 169 0.41 -1.46 -3.21
C ILE A 169 1.56 -0.67 -2.56
N PRO A 170 1.93 0.46 -3.15
CA PRO A 170 2.98 1.31 -2.60
C PRO A 170 2.60 1.90 -1.26
N ASN A 171 1.32 2.18 -1.06
CA ASN A 171 0.90 2.74 0.21
C ASN A 171 -0.40 2.13 0.64
N PHE A 172 -0.39 1.66 1.87
CA PHE A 172 -1.53 0.98 2.44
C PHE A 172 -2.50 1.86 3.23
N SER A 173 -2.14 3.10 3.55
CA SER A 173 -3.07 3.93 4.35
C SER A 173 -4.14 4.60 3.47
N ILE A 174 -5.38 4.38 3.87
CA ILE A 174 -6.55 4.86 3.17
C ILE A 174 -6.56 6.39 3.01
N GLY A 175 -6.37 7.08 4.12
CA GLY A 175 -6.30 8.53 4.09
C GLY A 175 -5.30 9.09 3.09
N MET A 176 -4.13 8.47 3.03
CA MET A 176 -3.12 8.94 2.11
C MET A 176 -3.60 8.73 0.70
N VAL A 177 -4.29 7.64 0.45
CA VAL A 177 -4.63 7.28 -0.90
C VAL A 177 -5.85 8.08 -1.39
N LEU A 178 -6.78 8.36 -0.49
CA LEU A 178 -7.89 9.30 -0.78
C LEU A 178 -7.34 10.70 -1.06
N LEU A 179 -6.44 11.15 -0.22
CA LEU A 179 -5.74 12.38 -0.47
C LEU A 179 -5.14 12.43 -1.87
N GLN A 180 -4.44 11.35 -2.23
CA GLN A 180 -3.82 11.25 -3.55
C GLN A 180 -4.84 11.30 -4.68
N GLN A 181 -5.90 10.54 -4.54
CA GLN A 181 -6.93 10.54 -5.56
C GLN A 181 -7.56 11.93 -5.62
N ALA A 182 -7.91 12.49 -4.47
CA ALA A 182 -8.56 13.79 -4.44
C ALA A 182 -7.66 14.86 -5.06
N ALA A 183 -6.36 14.80 -4.81
CA ALA A 183 -5.44 15.78 -5.36
C ALA A 183 -5.39 15.67 -6.85
N VAL A 184 -5.31 14.43 -7.36
CA VAL A 184 -5.22 14.15 -8.84
C VAL A 184 -6.44 14.76 -9.52
N THR A 185 -7.61 14.46 -8.98
CA THR A 185 -8.85 15.09 -9.46
C THR A 185 -8.76 16.60 -9.49
N ALA A 186 -8.38 17.18 -8.35
CA ALA A 186 -8.33 18.63 -8.24
C ALA A 186 -7.32 19.28 -9.19
N SER A 187 -6.26 18.54 -9.49
CA SER A 187 -5.19 19.12 -10.28
C SER A 187 -5.67 19.46 -11.69
N GLN A 188 -6.73 18.80 -12.17
CA GLN A 188 -7.35 19.16 -13.46
C GLN A 188 -8.04 20.54 -13.51
N TYR A 189 -8.38 21.13 -12.36
CA TYR A 189 -9.04 22.45 -12.30
C TYR A 189 -8.19 23.51 -11.59
N PHE A 190 -7.18 23.11 -10.82
CA PHE A 190 -6.22 24.07 -10.30
C PHE A 190 -4.87 24.01 -11.02
N ASP A 191 -4.27 25.18 -11.23
CA ASP A 191 -3.00 25.30 -11.93
C ASP A 191 -1.85 25.55 -10.97
N HIS A 192 -2.11 25.55 -9.68
CA HIS A 192 -1.11 25.95 -8.71
C HIS A 192 -1.21 25.03 -7.53
N VAL A 193 -0.06 24.56 -7.06
CA VAL A 193 -0.06 23.53 -6.04
C VAL A 193 1.32 23.40 -5.41
N GLU A 194 1.33 23.22 -4.09
CA GLU A 194 2.53 22.94 -3.33
C GLU A 194 2.25 21.86 -2.28
N ILE A 195 3.28 21.13 -1.90
CA ILE A 195 3.14 20.05 -0.94
C ILE A 195 3.98 20.35 0.28
N ILE A 196 3.40 20.23 1.45
CA ILE A 196 4.19 20.33 2.65
C ILE A 196 4.05 19.04 3.36
N GLU A 197 5.17 18.53 3.84
CA GLU A 197 5.25 17.20 4.42
C GLU A 197 6.07 17.31 5.71
N LEU A 198 5.57 16.76 6.80
CA LEU A 198 6.22 16.92 8.09
C LEU A 198 6.46 15.57 8.78
N HIS A 199 7.70 15.31 9.18
CA HIS A 199 8.02 14.05 9.84
C HIS A 199 8.79 14.26 11.11
N HIS A 200 8.81 13.21 11.92
CA HIS A 200 9.68 13.10 13.08
C HIS A 200 11.10 13.45 12.65
N ASN A 201 11.87 14.05 13.56
CA ASN A 201 13.21 14.52 13.22
C ASN A 201 14.30 13.44 13.08
N GLN A 202 14.02 12.18 13.41
CA GLN A 202 14.96 11.07 13.15
C GLN A 202 15.00 10.61 11.69
N LYS A 203 14.26 11.27 10.83
CA LYS A 203 14.08 10.80 9.48
C LYS A 203 15.14 11.38 8.54
N ALA A 204 15.97 10.49 8.01
CA ALA A 204 17.09 10.83 7.14
C ALA A 204 16.77 11.48 5.81
N ASP A 205 15.90 10.86 5.01
CA ASP A 205 15.65 11.28 3.61
C ASP A 205 14.74 12.51 3.53
N ALA A 206 14.99 13.45 2.63
CA ALA A 206 14.04 14.55 2.37
C ALA A 206 14.08 15.09 0.91
N PRO A 207 12.98 15.02 0.15
CA PRO A 207 11.62 14.74 0.63
C PRO A 207 11.34 13.28 0.90
N SER A 208 10.25 13.01 1.59
CA SER A 208 9.89 11.65 1.93
C SER A 208 9.49 10.92 0.66
N GLY A 209 9.38 9.59 0.75
CA GLY A 209 8.96 8.77 -0.39
C GLY A 209 7.56 9.13 -0.87
N THR A 210 6.65 9.25 0.08
CA THR A 210 5.25 9.58 -0.16
C THR A 210 4.98 10.96 -0.76
N ALA A 211 5.76 11.97 -0.41
CA ALA A 211 5.57 13.28 -0.96
C ALA A 211 5.98 13.27 -2.40
N ILE A 212 6.97 12.45 -2.70
CA ILE A 212 7.44 12.33 -4.07
C ILE A 212 6.47 11.52 -4.92
N GLN A 213 5.97 10.39 -4.37
CA GLN A 213 4.96 9.61 -5.08
C GLN A 213 3.86 10.55 -5.48
N THR A 214 3.39 11.31 -4.49
CA THR A 214 2.30 12.20 -4.67
C THR A 214 2.60 13.23 -5.75
N ALA A 215 3.81 13.73 -5.79
CA ALA A 215 4.19 14.61 -6.87
C ALA A 215 4.17 13.89 -8.23
N GLU A 216 4.65 12.65 -8.34
CA GLU A 216 4.63 11.94 -9.64
C GLU A 216 3.19 11.87 -10.15
N LEU A 217 2.30 11.37 -9.28
CA LEU A 217 0.86 11.26 -9.61
C LEU A 217 0.27 12.55 -10.20
N LEU A 218 0.50 13.68 -9.53
CA LEU A 218 0.11 14.97 -10.06
C LEU A 218 0.77 15.30 -11.42
N ALA A 219 2.05 14.95 -11.54
CA ALA A 219 2.78 15.27 -12.75
C ALA A 219 2.49 14.31 -13.92
N GLU A 220 1.88 13.16 -13.66
CA GLU A 220 1.55 12.20 -14.72
C GLU A 220 0.59 12.70 -15.75
N LEU A 221 -0.11 13.79 -15.47
CA LEU A 221 -1.13 14.33 -16.37
C LEU A 221 -0.53 15.08 -17.55
N GLY A 222 0.74 15.47 -17.44
CA GLY A 222 1.35 16.34 -18.41
C GLY A 222 0.79 17.76 -18.40
N LYS A 223 0.51 18.27 -17.22
CA LYS A 223 0.09 19.63 -17.03
C LYS A 223 1.11 20.33 -16.14
N THR A 224 1.52 21.52 -16.52
CA THR A 224 2.49 22.27 -15.74
C THR A 224 1.76 23.19 -14.78
N PHE A 225 2.24 23.16 -13.53
CA PHE A 225 1.68 23.95 -12.47
C PHE A 225 2.63 25.07 -12.15
N ASN A 226 2.11 26.14 -11.57
CA ASN A 226 2.92 27.17 -10.93
C ASN A 226 3.68 28.00 -11.89
N SER A 227 3.08 28.37 -13.01
CA SER A 227 3.84 29.18 -13.94
C SER A 227 3.98 30.60 -13.37
N ALA A 228 5.24 31.03 -13.29
CA ALA A 228 5.66 32.31 -12.72
C ALA A 228 4.96 33.52 -13.26
N ILE A 229 4.44 34.34 -12.37
CA ILE A 229 4.01 35.66 -12.74
C ILE A 229 5.00 36.73 -12.27
N VAL A 230 6.19 36.31 -11.84
CA VAL A 230 7.22 37.21 -11.31
C VAL A 230 8.53 36.44 -11.33
N GLU A 231 9.64 37.15 -11.42
CA GLU A 231 10.93 36.50 -11.27
C GLU A 231 11.20 36.47 -9.79
N GLU A 232 11.43 35.29 -9.25
CA GLU A 232 11.64 35.12 -7.81
C GLU A 232 13.08 35.42 -7.43
N THR A 233 13.28 35.96 -6.23
CA THR A 233 14.62 36.02 -5.64
C THR A 233 14.62 35.18 -4.37
N GLU A 234 15.56 34.25 -4.32
CA GLU A 234 15.89 33.54 -3.13
C GLU A 234 16.93 34.36 -2.39
N LYS A 235 16.46 35.27 -1.56
CA LYS A 235 17.30 35.91 -0.55
C LYS A 235 18.15 34.91 0.23
N ILE A 236 17.59 33.74 0.55
CA ILE A 236 18.37 32.70 1.21
C ILE A 236 18.12 31.41 0.46
N PRO A 237 19.19 30.71 0.12
CA PRO A 237 18.97 29.49 -0.64
C PRO A 237 18.10 28.50 0.12
N GLY A 238 17.17 27.86 -0.58
CA GLY A 238 16.42 26.74 -0.03
C GLY A 238 14.99 27.11 0.33
N ALA A 239 14.68 28.39 0.39
CA ALA A 239 13.40 28.84 0.93
C ALA A 239 12.17 28.24 0.20
N ARG A 240 12.26 28.11 -1.12
CA ARG A 240 11.10 27.67 -1.90
C ARG A 240 10.96 26.17 -2.02
N GLY A 241 11.70 25.42 -1.23
CA GLY A 241 11.50 23.99 -1.25
C GLY A 241 12.13 23.42 -2.49
N SER A 242 11.97 22.11 -2.64
CA SER A 242 12.50 21.41 -3.79
C SER A 242 11.47 21.31 -4.92
N LEU A 243 12.01 21.29 -6.13
CA LEU A 243 11.28 21.28 -7.39
C LEU A 243 11.12 19.83 -7.83
N ALA A 244 9.92 19.39 -8.15
CA ALA A 244 9.68 17.96 -8.32
C ALA A 244 8.72 17.66 -9.42
N GLY A 245 8.97 18.16 -10.61
CA GLY A 245 8.22 17.67 -11.72
C GLY A 245 7.05 18.55 -11.96
N GLU A 246 6.92 18.94 -13.23
CA GLU A 246 5.83 19.76 -13.69
C GLU A 246 5.63 20.99 -12.82
N GLY A 247 6.70 21.47 -12.20
CA GLY A 247 6.67 22.78 -11.54
C GLY A 247 6.21 22.73 -10.10
N ILE A 248 6.11 21.52 -9.54
CA ILE A 248 5.56 21.34 -8.20
C ILE A 248 6.63 21.48 -7.12
N ARG A 249 6.27 22.12 -6.02
CA ARG A 249 7.20 22.36 -4.91
C ARG A 249 6.92 21.49 -3.75
N ILE A 250 7.97 20.98 -3.11
CA ILE A 250 7.82 20.21 -1.89
C ILE A 250 8.65 20.81 -0.77
N HIS A 251 8.03 21.00 0.40
CA HIS A 251 8.70 21.50 1.57
C HIS A 251 8.64 20.45 2.66
N SER A 252 9.75 20.28 3.37
CA SER A 252 9.91 19.17 4.28
C SER A 252 10.30 19.66 5.68
N VAL A 253 9.47 19.34 6.65
CA VAL A 253 9.66 19.77 8.00
C VAL A 253 10.02 18.56 8.85
N ARG A 254 11.01 18.74 9.73
CA ARG A 254 11.46 17.69 10.65
C ARG A 254 11.55 18.21 12.08
N LEU A 255 10.73 17.68 12.97
CA LEU A 255 10.75 18.08 14.37
C LEU A 255 10.36 16.91 15.21
N PRO A 256 10.86 16.84 16.43
CA PRO A 256 10.30 15.86 17.36
C PRO A 256 8.85 16.20 17.60
N GLY A 257 8.06 15.21 18.02
CA GLY A 257 6.62 15.45 18.22
C GLY A 257 5.75 15.03 17.05
N LEU A 258 6.31 15.06 15.84
CA LEU A 258 5.67 14.60 14.62
C LEU A 258 5.90 13.10 14.39
N ILE A 259 5.07 12.53 13.53
CA ILE A 259 5.17 11.14 13.14
C ILE A 259 5.23 11.19 11.62
N ALA A 260 4.09 11.33 10.96
CA ALA A 260 4.07 11.50 9.51
C ALA A 260 2.83 12.25 9.11
N HIS A 261 3.01 13.34 8.37
CA HIS A 261 1.92 14.24 8.03
C HIS A 261 2.16 14.76 6.64
N GLN A 262 1.09 14.99 5.89
CA GLN A 262 1.21 15.55 4.52
C GLN A 262 0.03 16.42 4.16
N GLU A 263 0.34 17.54 3.53
CA GLU A 263 -0.61 18.57 3.25
C GLU A 263 -0.39 18.96 1.79
N VAL A 264 -1.46 19.01 1.00
CA VAL A 264 -1.40 19.45 -0.38
C VAL A 264 -2.27 20.68 -0.46
N ILE A 265 -1.72 21.73 -1.05
CA ILE A 265 -2.36 23.00 -1.06
C ILE A 265 -2.48 23.44 -2.51
N PHE A 266 -3.73 23.66 -2.93
CA PHE A 266 -4.05 24.06 -4.28
C PHE A 266 -4.54 25.47 -4.18
N GLY A 267 -4.06 26.34 -5.06
CA GLY A 267 -4.43 27.74 -5.05
C GLY A 267 -5.05 28.22 -6.36
N ALA A 268 -5.93 29.20 -6.24
CA ALA A 268 -6.53 29.89 -7.38
C ALA A 268 -6.92 31.29 -6.89
N PRO A 269 -7.30 32.20 -7.80
CA PRO A 269 -7.69 33.51 -7.26
C PRO A 269 -8.86 33.48 -6.23
N GLY A 270 -8.64 34.07 -5.06
CA GLY A 270 -9.68 34.09 -4.03
C GLY A 270 -10.00 32.78 -3.32
N GLN A 271 -9.09 31.80 -3.40
CA GLN A 271 -9.47 30.43 -3.08
C GLN A 271 -8.31 29.52 -2.80
N ILE A 272 -8.42 28.77 -1.71
CA ILE A 272 -7.41 27.78 -1.33
C ILE A 272 -8.07 26.48 -1.01
N TYR A 273 -7.52 25.37 -1.49
CA TYR A 273 -8.08 24.03 -1.21
C TYR A 273 -6.99 23.10 -0.71
N THR A 274 -7.19 22.56 0.47
CA THR A 274 -6.12 21.93 1.21
C THR A 274 -6.57 20.54 1.58
N LEU A 275 -5.75 19.58 1.23
CA LEU A 275 -5.96 18.19 1.59
C LEU A 275 -4.89 17.86 2.58
N ARG A 276 -5.26 17.31 3.74
CA ARG A 276 -4.27 16.96 4.76
C ARG A 276 -4.41 15.53 5.21
N HIS A 277 -3.32 14.84 5.47
CA HIS A 277 -3.35 13.53 6.09
C HIS A 277 -2.40 13.49 7.28
N ASP A 278 -2.87 13.10 8.47
CA ASP A 278 -2.02 12.99 9.66
C ASP A 278 -1.93 11.56 10.22
N THR A 279 -0.73 11.08 10.56
CA THR A 279 -0.62 9.76 11.16
C THR A 279 -0.34 9.77 12.66
N SER A 280 -1.16 9.03 13.38
CA SER A 280 -1.24 9.09 14.83
C SER A 280 -0.40 8.01 15.53
N ASP A 281 -0.27 6.84 14.89
CA ASP A 281 0.65 5.76 15.27
C ASP A 281 0.64 4.77 14.10
N ARG A 282 1.69 3.97 13.96
CA ARG A 282 2.01 3.29 12.69
C ARG A 282 1.30 1.94 12.42
N ALA A 283 0.04 1.79 12.80
CA ALA A 283 -0.70 0.56 12.54
C ALA A 283 -2.04 0.82 11.82
N CYS A 284 -1.98 1.63 10.76
CA CYS A 284 -3.20 2.10 10.06
C CYS A 284 -3.23 1.64 8.62
N TYR A 285 -2.29 0.78 8.29
CA TYR A 285 -2.36 0.06 7.04
C TYR A 285 -3.61 -0.84 7.00
N MET A 286 -3.99 -1.36 8.16
CA MET A 286 -5.01 -2.40 8.26
C MET A 286 -6.28 -2.25 7.42
N PRO A 287 -6.99 -1.14 7.58
CA PRO A 287 -8.16 -0.96 6.76
C PRO A 287 -7.86 -1.05 5.26
N GLY A 288 -6.67 -0.61 4.86
CA GLY A 288 -6.24 -0.72 3.48
C GLY A 288 -5.98 -2.16 3.08
N VAL A 289 -5.27 -2.88 3.91
CA VAL A 289 -5.04 -4.29 3.65
C VAL A 289 -6.35 -5.05 3.45
N LEU A 290 -7.31 -4.86 4.35
CA LEU A 290 -8.59 -5.55 4.27
C LEU A 290 -9.37 -5.08 3.08
N LEU A 291 -9.21 -3.80 2.76
CA LEU A 291 -9.89 -3.25 1.61
C LEU A 291 -9.30 -3.85 0.36
N ALA A 292 -8.00 -4.04 0.34
CA ALA A 292 -7.34 -4.67 -0.80
C ALA A 292 -7.87 -6.06 -0.97
N ILE A 293 -7.95 -6.77 0.15
CA ILE A 293 -8.40 -8.14 0.08
C ILE A 293 -9.78 -8.23 -0.55
N ARG A 294 -10.68 -7.32 -0.20
CA ARG A 294 -12.06 -7.34 -0.73
C ARG A 294 -12.16 -6.92 -2.18
N LYS A 295 -11.39 -5.90 -2.51
CA LYS A 295 -11.49 -5.30 -3.81
C LYS A 295 -10.75 -6.06 -4.90
N VAL A 296 -9.75 -6.86 -4.55
CA VAL A 296 -8.99 -7.63 -5.54
C VAL A 296 -9.88 -8.67 -6.22
N LEU A 297 -10.85 -9.20 -5.50
CA LEU A 297 -11.81 -10.17 -6.08
C LEU A 297 -12.44 -9.66 -7.36
N GLN A 298 -12.61 -8.33 -7.47
CA GLN A 298 -13.16 -7.72 -8.68
C GLN A 298 -12.18 -7.65 -9.85
N LEU A 299 -10.92 -8.00 -9.64
CA LEU A 299 -9.90 -7.76 -10.67
C LEU A 299 -9.55 -9.00 -11.47
N LYS A 300 -9.26 -8.79 -12.74
CA LYS A 300 -8.82 -9.85 -13.66
C LYS A 300 -7.38 -9.60 -14.10
N SER A 301 -6.71 -8.65 -13.45
CA SER A 301 -5.33 -8.31 -13.80
C SER A 301 -4.65 -7.48 -12.69
N LEU A 302 -3.39 -7.15 -12.89
CA LEU A 302 -2.62 -6.50 -11.84
C LEU A 302 -2.85 -5.00 -11.85
N VAL A 303 -3.01 -4.42 -10.64
CA VAL A 303 -3.18 -2.98 -10.51
C VAL A 303 -2.17 -2.42 -9.53
N TYR A 304 -1.50 -1.36 -9.95
CA TYR A 304 -0.50 -0.73 -9.12
C TYR A 304 -1.13 0.42 -8.36
N GLY A 305 -1.06 0.39 -7.04
CA GLY A 305 -1.69 1.45 -6.26
C GLY A 305 -3.14 1.17 -5.90
N LEU A 306 -3.44 1.52 -4.68
CA LEU A 306 -4.73 1.34 -4.09
C LEU A 306 -5.64 2.48 -4.55
N GLU A 307 -5.04 3.58 -5.00
CA GLU A 307 -5.83 4.75 -5.37
C GLU A 307 -6.65 4.48 -6.62
N LYS A 308 -6.53 3.27 -7.12
CA LYS A 308 -7.16 2.90 -8.34
C LYS A 308 -8.33 2.01 -8.08
N ILE A 309 -8.73 1.81 -6.85
CA ILE A 309 -9.88 0.91 -6.61
C ILE A 309 -10.88 1.55 -5.65
N LEU A 310 -10.96 2.86 -5.70
CA LEU A 310 -11.33 3.57 -4.53
C LEU A 310 -12.03 4.89 -4.82
MG MG B . 8.31 7.50 3.23
#